data_7MMM
#
_entry.id   7MMM
#
_entity_poly.entity_id   1
_entity_poly.type   'polypeptide(L)'
_entity_poly.pdbx_seq_one_letter_code
;IWLTALKFLGKNLGKHLAKQQLAKL(NH2)
;
_entity_poly.pdbx_strand_id   A
#
# COMPACT_ATOMS: atom_id res chain seq x y z
N ILE A 1 12.49 -11.65 -7.08
CA ILE A 1 11.62 -11.04 -8.11
C ILE A 1 11.85 -9.54 -8.11
N TRP A 2 12.15 -8.99 -9.27
CA TRP A 2 12.40 -7.55 -9.39
C TRP A 2 11.11 -6.74 -9.35
N LEU A 3 10.02 -7.37 -8.91
CA LEU A 3 8.76 -6.67 -8.83
C LEU A 3 8.72 -5.68 -7.72
N THR A 4 9.85 -5.36 -7.17
CA THR A 4 9.88 -4.36 -6.13
C THR A 4 9.07 -3.16 -6.61
N ALA A 5 8.56 -3.24 -7.86
CA ALA A 5 7.77 -2.16 -8.43
C ALA A 5 6.37 -2.24 -7.90
N LEU A 6 5.77 -3.40 -8.11
CA LEU A 6 4.44 -3.64 -7.60
C LEU A 6 4.49 -3.49 -6.11
N LYS A 7 5.65 -3.83 -5.56
CA LYS A 7 5.82 -3.75 -4.13
C LYS A 7 6.06 -2.30 -3.71
N PHE A 8 6.91 -1.60 -4.44
CA PHE A 8 7.17 -0.20 -4.13
C PHE A 8 5.85 0.54 -4.11
N LEU A 9 4.99 0.20 -5.07
CA LEU A 9 3.67 0.80 -5.15
C LEU A 9 2.78 0.18 -4.08
N GLY A 10 2.72 -1.14 -4.09
CA GLY A 10 1.93 -1.88 -3.11
C GLY A 10 2.11 -1.31 -1.72
N LYS A 11 3.36 -0.98 -1.35
CA LYS A 11 3.61 -0.41 -0.03
C LYS A 11 2.94 0.96 0.09
N ASN A 12 2.93 1.69 -1.02
CA ASN A 12 2.30 3.00 -1.06
C ASN A 12 0.79 2.81 -1.05
N LEU A 13 0.35 1.95 -1.95
CA LEU A 13 -1.06 1.63 -2.05
C LEU A 13 -1.50 0.99 -0.73
N GLY A 14 -0.62 0.17 -0.18
CA GLY A 14 -0.91 -0.50 1.07
C GLY A 14 -1.10 0.53 2.17
N LYS A 15 -0.14 1.45 2.29
CA LYS A 15 -0.26 2.50 3.27
C LYS A 15 -1.59 3.19 3.07
N HIS A 16 -1.97 3.33 1.79
CA HIS A 16 -3.23 3.93 1.44
C HIS A 16 -4.35 2.98 1.84
N LEU A 17 -4.15 1.69 1.56
CA LEU A 17 -5.15 0.70 1.94
C LEU A 17 -5.38 0.82 3.43
N ALA A 18 -4.29 0.83 4.17
CA ALA A 18 -4.35 0.99 5.62
C ALA A 18 -5.10 2.27 5.93
N LYS A 19 -4.67 3.38 5.31
CA LYS A 19 -5.32 4.65 5.52
C LYS A 19 -6.81 4.54 5.19
N GLN A 20 -7.11 3.83 4.11
CA GLN A 20 -8.50 3.64 3.71
C GLN A 20 -9.30 3.10 4.89
N GLN A 21 -8.79 2.04 5.51
CA GLN A 21 -9.46 1.47 6.67
C GLN A 21 -9.26 2.38 7.86
N LEU A 22 -8.03 2.84 8.03
CA LEU A 22 -7.69 3.75 9.12
C LEU A 22 -8.65 4.91 9.15
N ALA A 23 -8.96 5.41 7.99
CA ALA A 23 -9.88 6.54 7.85
C ALA A 23 -11.15 6.28 8.66
N LYS A 24 -11.61 5.04 8.68
CA LYS A 24 -12.80 4.69 9.42
C LYS A 24 -12.46 4.50 10.89
N LEU A 25 -11.23 4.08 11.15
CA LEU A 25 -10.77 3.87 12.51
C LEU A 25 -10.35 5.20 13.13
N ILE A 1 12.50 -9.87 -4.65
CA ILE A 1 11.33 -9.91 -5.57
C ILE A 1 11.71 -9.17 -6.86
N TRP A 2 11.13 -9.59 -7.98
CA TRP A 2 11.41 -8.95 -9.26
C TRP A 2 10.47 -7.75 -9.46
N LEU A 3 9.20 -7.99 -9.18
CA LEU A 3 8.17 -6.99 -9.31
C LEU A 3 8.33 -5.85 -8.35
N THR A 4 9.50 -5.61 -7.86
CA THR A 4 9.69 -4.52 -6.92
C THR A 4 8.91 -3.29 -7.38
N ALA A 5 8.28 -3.36 -8.57
CA ALA A 5 7.48 -2.24 -9.07
C ALA A 5 6.13 -2.31 -8.40
N LEU A 6 5.50 -3.47 -8.57
CA LEU A 6 4.22 -3.72 -7.94
C LEU A 6 4.38 -3.50 -6.46
N LYS A 7 5.58 -3.81 -5.98
CA LYS A 7 5.86 -3.63 -4.56
C LYS A 7 6.05 -2.17 -4.22
N PHE A 8 6.88 -1.47 -4.97
CA PHE A 8 7.08 -0.04 -4.71
C PHE A 8 5.73 0.66 -4.74
N LEU A 9 4.86 0.16 -5.60
CA LEU A 9 3.52 0.72 -5.70
C LEU A 9 2.69 0.21 -4.54
N GLY A 10 2.69 -1.10 -4.36
CA GLY A 10 1.94 -1.72 -3.28
C GLY A 10 2.30 -1.07 -1.95
N LYS A 11 3.58 -0.76 -1.77
CA LYS A 11 4.02 -0.13 -0.54
C LYS A 11 3.36 1.24 -0.41
N ASN A 12 3.10 1.86 -1.55
CA ASN A 12 2.43 3.15 -1.57
C ASN A 12 0.99 2.92 -1.20
N LEU A 13 0.38 1.96 -1.88
CA LEU A 13 -0.98 1.59 -1.60
C LEU A 13 -1.07 1.17 -0.15
N GLY A 14 -0.04 0.49 0.32
CA GLY A 14 0.01 0.03 1.70
C GLY A 14 -0.20 1.19 2.65
N LYS A 15 0.63 2.23 2.50
CA LYS A 15 0.49 3.40 3.35
C LYS A 15 -0.93 3.92 3.23
N HIS A 16 -1.48 3.76 2.04
CA HIS A 16 -2.85 4.17 1.79
C HIS A 16 -3.79 3.17 2.43
N LEU A 17 -3.43 1.90 2.36
CA LEU A 17 -4.24 0.85 2.95
C LEU A 17 -4.46 1.17 4.43
N ALA A 18 -3.37 1.49 5.11
CA ALA A 18 -3.44 1.85 6.51
C ALA A 18 -4.46 2.97 6.68
N LYS A 19 -4.38 3.96 5.80
CA LYS A 19 -5.31 5.07 5.83
C LYS A 19 -6.70 4.56 5.49
N GLN A 20 -6.76 3.70 4.48
CA GLN A 20 -8.02 3.11 4.06
C GLN A 20 -8.71 2.51 5.27
N GLN A 21 -7.98 1.70 6.01
CA GLN A 21 -8.53 1.11 7.22
C GLN A 21 -8.93 2.23 8.17
N LEU A 22 -8.03 3.21 8.31
CA LEU A 22 -8.29 4.36 9.16
C LEU A 22 -9.61 4.98 8.75
N ALA A 23 -9.80 5.09 7.43
CA ALA A 23 -11.03 5.65 6.89
C ALA A 23 -12.24 4.94 7.49
N LYS A 24 -12.04 3.71 7.92
CA LYS A 24 -13.11 2.93 8.53
C LYS A 24 -13.13 3.19 10.03
N LEU A 25 -11.98 3.57 10.57
CA LEU A 25 -11.87 3.86 11.99
C LEU A 25 -12.11 5.35 12.25
N ILE A 1 15.43 -8.63 -5.76
CA ILE A 1 13.99 -8.44 -6.05
C ILE A 1 13.83 -7.89 -7.47
N TRP A 2 12.75 -8.30 -8.14
CA TRP A 2 12.48 -7.84 -9.51
C TRP A 2 11.09 -7.21 -9.58
N LEU A 3 10.30 -7.44 -8.55
CA LEU A 3 8.95 -6.94 -8.48
C LEU A 3 8.85 -5.51 -8.09
N THR A 4 9.88 -4.74 -8.25
CA THR A 4 9.81 -3.34 -7.88
C THR A 4 8.48 -2.76 -8.39
N ALA A 5 7.71 -3.58 -9.15
CA ALA A 5 6.42 -3.15 -9.65
C ALA A 5 5.39 -3.34 -8.56
N LEU A 6 5.31 -4.58 -8.08
CA LEU A 6 4.42 -4.91 -7.00
C LEU A 6 4.86 -4.17 -5.77
N LYS A 7 6.15 -3.84 -5.74
CA LYS A 7 6.68 -3.11 -4.60
C LYS A 7 6.15 -1.69 -4.64
N PHE A 8 6.26 -1.04 -5.81
CA PHE A 8 5.73 0.31 -5.95
C PHE A 8 4.26 0.28 -5.61
N LEU A 9 3.64 -0.86 -5.85
CA LEU A 9 2.23 -1.04 -5.52
C LEU A 9 2.12 -1.32 -4.03
N GLY A 10 2.84 -2.32 -3.58
CA GLY A 10 2.83 -2.70 -2.18
C GLY A 10 2.92 -1.48 -1.27
N LYS A 11 3.86 -0.60 -1.56
CA LYS A 11 4.01 0.60 -0.75
C LYS A 11 2.73 1.44 -0.86
N ASN A 12 2.11 1.36 -2.03
CA ASN A 12 0.86 2.04 -2.28
C ASN A 12 -0.22 1.30 -1.52
N LEU A 13 -0.15 -0.03 -1.65
CA LEU A 13 -1.09 -0.90 -0.97
C LEU A 13 -1.03 -0.56 0.51
N GLY A 14 0.17 -0.25 0.97
CA GLY A 14 0.35 0.13 2.37
C GLY A 14 -0.38 1.43 2.65
N LYS A 15 -0.09 2.44 1.85
CA LYS A 15 -0.79 3.71 2.00
C LYS A 15 -2.28 3.43 1.92
N HIS A 16 -2.62 2.48 1.06
CA HIS A 16 -4.01 2.07 0.89
C HIS A 16 -4.50 1.43 2.18
N LEU A 17 -3.65 0.62 2.81
CA LEU A 17 -4.02 0.01 4.08
C LEU A 17 -4.32 1.10 5.07
N ALA A 18 -3.38 2.02 5.18
CA ALA A 18 -3.54 3.16 6.08
C ALA A 18 -4.89 3.82 5.83
N LYS A 19 -5.18 4.07 4.56
CA LYS A 19 -6.46 4.66 4.18
C LYS A 19 -7.59 3.81 4.74
N GLN A 20 -7.45 2.51 4.58
CA GLN A 20 -8.44 1.57 5.10
C GLN A 20 -8.67 1.86 6.57
N GLN A 21 -7.59 2.02 7.30
CA GLN A 21 -7.68 2.31 8.72
C GLN A 21 -8.23 3.71 8.92
N LEU A 22 -7.75 4.64 8.10
CA LEU A 22 -8.20 6.02 8.15
C LEU A 22 -9.72 6.07 8.04
N ALA A 23 -10.21 5.33 7.08
CA ALA A 23 -11.65 5.27 6.83
C ALA A 23 -12.40 4.99 8.13
N LYS A 24 -11.78 4.21 9.03
CA LYS A 24 -12.41 3.91 10.30
C LYS A 24 -12.12 5.03 11.29
N LEU A 25 -10.89 5.53 11.24
CA LEU A 25 -10.48 6.62 12.12
C LEU A 25 -11.19 7.91 11.75
N ILE A 1 11.19 -13.47 -8.52
CA ILE A 1 10.01 -12.57 -8.55
C ILE A 1 10.36 -11.28 -7.82
N TRP A 2 10.97 -10.35 -8.55
CA TRP A 2 11.37 -9.07 -7.98
C TRP A 2 10.36 -7.98 -8.37
N LEU A 3 9.18 -8.03 -7.77
CA LEU A 3 8.14 -7.09 -8.05
C LEU A 3 8.38 -5.78 -7.39
N THR A 4 9.60 -5.51 -7.04
CA THR A 4 9.89 -4.25 -6.40
C THR A 4 9.13 -3.12 -7.10
N ALA A 5 8.44 -3.45 -8.20
CA ALA A 5 7.65 -2.46 -8.92
C ALA A 5 6.36 -2.28 -8.19
N LEU A 6 5.68 -3.41 -7.97
CA LEU A 6 4.44 -3.40 -7.22
C LEU A 6 4.76 -3.03 -5.79
N LYS A 7 6.01 -3.28 -5.39
CA LYS A 7 6.44 -2.95 -4.04
C LYS A 7 6.63 -1.45 -3.88
N PHE A 8 7.43 -0.85 -4.77
CA PHE A 8 7.66 0.59 -4.70
C PHE A 8 6.33 1.32 -4.74
N LEU A 9 5.39 0.75 -5.48
CA LEU A 9 4.05 1.33 -5.59
C LEU A 9 3.22 0.87 -4.41
N GLY A 10 3.13 -0.44 -4.26
CA GLY A 10 2.36 -1.05 -3.18
C GLY A 10 2.56 -0.30 -1.88
N LYS A 11 3.82 0.02 -1.55
CA LYS A 11 4.10 0.74 -0.31
C LYS A 11 3.24 2.00 -0.24
N ASN A 12 3.00 2.59 -1.39
CA ASN A 12 2.15 3.78 -1.47
C ASN A 12 0.72 3.36 -1.24
N LEU A 13 0.30 2.33 -1.97
CA LEU A 13 -1.04 1.81 -1.82
C LEU A 13 -1.21 1.38 -0.38
N GLY A 14 -0.13 0.86 0.18
CA GLY A 14 -0.13 0.43 1.59
C GLY A 14 -0.57 1.60 2.44
N LYS A 15 0.04 2.76 2.21
CA LYS A 15 -0.35 3.94 2.95
C LYS A 15 -1.85 4.13 2.76
N HIS A 16 -2.30 3.84 1.54
CA HIS A 16 -3.72 3.92 1.23
C HIS A 16 -4.45 2.88 2.04
N LEU A 17 -3.91 1.66 2.07
CA LEU A 17 -4.52 0.59 2.86
C LEU A 17 -4.59 1.07 4.30
N ALA A 18 -3.48 1.63 4.76
CA ALA A 18 -3.43 2.16 6.12
C ALA A 18 -4.51 3.22 6.26
N LYS A 19 -4.51 4.17 5.32
CA LYS A 19 -5.51 5.23 5.30
C LYS A 19 -6.89 4.60 5.27
N GLN A 20 -7.06 3.62 4.39
CA GLN A 20 -8.34 2.91 4.26
C GLN A 20 -8.72 2.32 5.61
N GLN A 21 -7.82 1.53 6.19
CA GLN A 21 -8.09 0.93 7.48
C GLN A 21 -8.50 2.02 8.46
N LEU A 22 -7.75 3.11 8.47
CA LEU A 22 -8.04 4.23 9.33
C LEU A 22 -9.38 4.82 8.97
N ALA A 23 -9.60 4.96 7.68
CA ALA A 23 -10.85 5.53 7.17
C ALA A 23 -12.06 4.80 7.75
N LYS A 24 -11.99 3.48 7.81
CA LYS A 24 -13.08 2.68 8.34
C LYS A 24 -12.88 2.48 9.84
N LEU A 25 -11.62 2.24 10.19
CA LEU A 25 -11.16 2.02 11.57
C LEU A 25 -12.15 1.22 12.45
N ILE A 1 12.74 -12.41 -8.51
CA ILE A 1 12.98 -11.08 -9.12
C ILE A 1 12.59 -10.00 -8.12
N TRP A 2 13.30 -8.88 -8.15
CA TRP A 2 12.99 -7.80 -7.22
C TRP A 2 11.70 -7.10 -7.65
N LEU A 3 10.57 -7.69 -7.26
CA LEU A 3 9.27 -7.15 -7.56
C LEU A 3 9.07 -5.77 -7.03
N THR A 4 10.12 -5.03 -6.81
CA THR A 4 9.98 -3.68 -6.29
C THR A 4 8.84 -2.97 -7.06
N ALA A 5 8.28 -3.66 -8.07
CA ALA A 5 7.17 -3.11 -8.84
C ALA A 5 5.91 -3.29 -8.04
N LEU A 6 5.67 -4.54 -7.67
CA LEU A 6 4.53 -4.85 -6.85
C LEU A 6 4.74 -4.16 -5.53
N LYS A 7 6.01 -3.94 -5.19
CA LYS A 7 6.33 -3.27 -3.95
C LYS A 7 5.90 -1.82 -4.07
N PHE A 8 6.29 -1.19 -5.17
CA PHE A 8 5.91 0.19 -5.42
C PHE A 8 4.40 0.30 -5.39
N LEU A 9 3.73 -0.57 -6.14
CA LEU A 9 2.27 -0.58 -6.16
C LEU A 9 1.78 -0.73 -4.72
N GLY A 10 2.30 -1.77 -4.06
CA GLY A 10 1.95 -2.04 -2.67
C GLY A 10 2.10 -0.78 -1.83
N LYS A 11 3.17 -0.03 -2.04
CA LYS A 11 3.38 1.19 -1.27
C LYS A 11 2.19 2.12 -1.40
N ASN A 12 1.61 2.17 -2.60
CA ASN A 12 0.44 2.99 -2.84
C ASN A 12 -0.74 2.37 -2.13
N LEU A 13 -0.92 1.08 -2.37
CA LEU A 13 -2.00 0.33 -1.73
C LEU A 13 -1.80 0.42 -0.23
N GLY A 14 -0.54 0.45 0.17
CA GLY A 14 -0.22 0.56 1.59
C GLY A 14 -0.67 1.89 2.12
N LYS A 15 -0.23 2.97 1.47
CA LYS A 15 -0.66 4.30 1.87
C LYS A 15 -2.18 4.30 1.88
N HIS A 16 -2.74 3.61 0.89
CA HIS A 16 -4.18 3.47 0.79
C HIS A 16 -4.66 2.67 1.99
N LEU A 17 -3.96 1.56 2.29
CA LEU A 17 -4.32 0.74 3.43
C LEU A 17 -4.35 1.63 4.66
N ALA A 18 -3.29 2.41 4.84
CA ALA A 18 -3.22 3.32 5.97
C ALA A 18 -4.41 4.27 5.93
N LYS A 19 -4.59 4.91 4.78
CA LYS A 19 -5.70 5.83 4.61
C LYS A 19 -7.02 5.07 4.84
N GLN A 20 -7.04 3.81 4.40
CA GLN A 20 -8.22 2.98 4.57
C GLN A 20 -8.40 2.68 6.05
N GLN A 21 -7.35 2.13 6.67
CA GLN A 21 -7.41 1.81 8.09
C GLN A 21 -7.98 3.01 8.84
N LEU A 22 -7.45 4.18 8.54
CA LEU A 22 -7.92 5.42 9.16
C LEU A 22 -9.41 5.58 8.98
N ALA A 23 -9.89 5.13 7.83
CA ALA A 23 -11.31 5.22 7.52
C ALA A 23 -12.10 4.26 8.42
N LYS A 24 -11.47 3.14 8.77
CA LYS A 24 -12.10 2.15 9.64
C LYS A 24 -11.78 2.49 11.09
N LEU A 25 -10.48 2.68 11.33
CA LEU A 25 -9.97 3.03 12.65
C LEU A 25 -10.84 2.46 13.78
N ILE A 1 9.83 -13.76 -6.89
CA ILE A 1 8.68 -12.89 -7.23
C ILE A 1 9.01 -11.46 -6.80
N TRP A 2 9.93 -10.83 -7.52
CA TRP A 2 10.33 -9.47 -7.20
C TRP A 2 9.26 -8.48 -7.65
N LEU A 3 8.20 -8.38 -6.87
CA LEU A 3 7.12 -7.47 -7.17
C LEU A 3 7.53 -6.06 -6.95
N THR A 4 8.79 -5.78 -6.94
CA THR A 4 9.27 -4.43 -6.73
C THR A 4 8.40 -3.46 -7.56
N ALA A 5 7.48 -4.02 -8.37
CA ALA A 5 6.58 -3.18 -9.17
C ALA A 5 5.46 -2.69 -8.29
N LEU A 6 4.79 -3.65 -7.67
CA LEU A 6 3.70 -3.33 -6.78
C LEU A 6 4.28 -2.75 -5.51
N LYS A 7 5.54 -3.10 -5.22
CA LYS A 7 6.19 -2.58 -4.02
C LYS A 7 6.48 -1.10 -4.18
N PHE A 8 7.01 -0.71 -5.34
CA PHE A 8 7.31 0.70 -5.58
C PHE A 8 6.05 1.52 -5.39
N LEU A 9 4.91 0.89 -5.64
CA LEU A 9 3.62 1.54 -5.47
C LEU A 9 3.16 1.34 -4.04
N GLY A 10 3.14 0.07 -3.64
CA GLY A 10 2.75 -0.31 -2.30
C GLY A 10 3.37 0.59 -1.25
N LYS A 11 4.62 1.02 -1.47
CA LYS A 11 5.26 1.89 -0.50
C LYS A 11 4.44 3.15 -0.29
N ASN A 12 4.07 3.79 -1.40
CA ASN A 12 3.24 4.99 -1.34
C ASN A 12 1.81 4.61 -1.05
N LEU A 13 1.31 3.66 -1.83
CA LEU A 13 -0.06 3.19 -1.67
C LEU A 13 -0.25 2.64 -0.27
N GLY A 14 0.82 2.12 0.29
CA GLY A 14 0.77 1.55 1.63
C GLY A 14 0.18 2.56 2.61
N LYS A 15 0.71 3.78 2.60
CA LYS A 15 0.17 4.81 3.48
C LYS A 15 -1.31 4.94 3.20
N HIS A 16 -1.66 4.80 1.93
CA HIS A 16 -3.06 4.86 1.53
C HIS A 16 -3.74 3.60 2.03
N LEU A 17 -3.08 2.45 1.87
CA LEU A 17 -3.65 1.19 2.33
C LEU A 17 -3.96 1.31 3.81
N ALA A 18 -3.00 1.82 4.56
CA ALA A 18 -3.19 2.02 5.99
C ALA A 18 -4.43 2.88 6.20
N LYS A 19 -4.49 4.00 5.49
CA LYS A 19 -5.63 4.88 5.57
C LYS A 19 -6.88 4.14 5.10
N GLN A 20 -6.73 3.42 3.99
CA GLN A 20 -7.83 2.65 3.42
C GLN A 20 -8.42 1.77 4.50
N GLN A 21 -7.57 1.06 5.20
CA GLN A 21 -8.02 0.20 6.29
C GLN A 21 -8.52 1.07 7.43
N LEU A 22 -7.78 2.13 7.74
CA LEU A 22 -8.19 3.02 8.82
C LEU A 22 -9.63 3.47 8.59
N ALA A 23 -9.90 3.90 7.38
CA ALA A 23 -11.24 4.34 7.02
C ALA A 23 -12.27 3.28 7.40
N LYS A 24 -11.85 2.02 7.41
CA LYS A 24 -12.75 0.93 7.77
C LYS A 24 -12.73 0.75 9.29
N LEU A 25 -11.58 1.03 9.87
CA LEU A 25 -11.40 0.89 11.31
C LEU A 25 -12.03 2.08 12.03
N ILE A 1 15.74 -9.01 -5.15
CA ILE A 1 14.33 -8.55 -5.22
C ILE A 1 14.20 -7.49 -6.31
N TRP A 2 13.40 -7.77 -7.32
CA TRP A 2 13.21 -6.83 -8.42
C TRP A 2 11.72 -6.62 -8.67
N LEU A 3 10.92 -6.93 -7.66
CA LEU A 3 9.49 -6.78 -7.73
C LEU A 3 9.05 -5.37 -7.62
N THR A 4 9.92 -4.44 -7.89
CA THR A 4 9.55 -3.05 -7.80
C THR A 4 8.17 -2.85 -8.43
N ALA A 5 7.61 -3.92 -9.03
CA ALA A 5 6.29 -3.87 -9.64
C ALA A 5 5.27 -4.05 -8.55
N LEU A 6 5.41 -5.17 -7.84
CA LEU A 6 4.54 -5.47 -6.74
C LEU A 6 4.80 -4.44 -5.65
N LYS A 7 6.05 -3.98 -5.57
CA LYS A 7 6.40 -3.00 -4.58
C LYS A 7 5.55 -1.76 -4.76
N PHE A 8 5.39 -1.32 -6.01
CA PHE A 8 4.56 -0.16 -6.27
C PHE A 8 3.17 -0.43 -5.73
N LEU A 9 2.65 -1.61 -6.05
CA LEU A 9 1.34 -2.00 -5.55
C LEU A 9 1.38 -2.00 -4.04
N GLY A 10 2.36 -2.70 -3.49
CA GLY A 10 2.54 -2.76 -2.05
C GLY A 10 2.55 -1.36 -1.45
N LYS A 11 3.28 -0.46 -2.10
CA LYS A 11 3.35 0.92 -1.63
C LYS A 11 1.98 1.55 -1.76
N ASN A 12 1.31 1.23 -2.85
CA ASN A 12 -0.03 1.73 -3.08
C ASN A 12 -0.93 1.14 -2.02
N LEU A 13 -0.76 -0.17 -1.83
CA LEU A 13 -1.50 -0.87 -0.80
C LEU A 13 -1.23 -0.17 0.52
N GLY A 14 -0.06 0.41 0.61
CA GLY A 14 0.32 1.16 1.81
C GLY A 14 -0.65 2.33 1.97
N LYS A 15 -0.78 3.11 0.91
CA LYS A 15 -1.72 4.22 0.92
C LYS A 15 -3.08 3.62 1.21
N HIS A 16 -3.35 2.49 0.57
CA HIS A 16 -4.58 1.77 0.79
C HIS A 16 -4.69 1.42 2.27
N LEU A 17 -3.54 1.08 2.86
CA LEU A 17 -3.49 0.77 4.28
C LEU A 17 -3.79 2.03 5.06
N ALA A 18 -3.09 3.11 4.72
CA ALA A 18 -3.30 4.39 5.38
C ALA A 18 -4.78 4.74 5.27
N LYS A 19 -5.31 4.65 4.06
CA LYS A 19 -6.72 4.92 3.84
C LYS A 19 -7.54 3.99 4.72
N GLN A 20 -7.16 2.72 4.75
CA GLN A 20 -7.85 1.75 5.60
C GLN A 20 -7.87 2.26 7.03
N GLN A 21 -6.68 2.54 7.55
CA GLN A 21 -6.56 3.06 8.90
C GLN A 21 -7.40 4.34 9.01
N LEU A 22 -7.37 5.14 7.97
CA LEU A 22 -8.14 6.38 7.95
C LEU A 22 -9.62 6.07 8.01
N ALA A 23 -10.01 5.02 7.31
CA ALA A 23 -11.41 4.60 7.27
C ALA A 23 -11.82 3.94 8.59
N LYS A 24 -10.92 3.15 9.17
CA LYS A 24 -11.22 2.46 10.42
C LYS A 24 -10.82 3.34 11.61
N LEU A 25 -9.93 4.27 11.35
CA LEU A 25 -9.40 5.21 12.34
C LEU A 25 -10.11 5.14 13.69
N ILE A 1 11.66 -12.46 -6.63
CA ILE A 1 10.60 -11.76 -7.38
C ILE A 1 11.12 -10.37 -7.74
N TRP A 2 10.85 -9.93 -8.97
CA TRP A 2 11.32 -8.63 -9.41
C TRP A 2 10.28 -7.54 -9.16
N LEU A 3 9.04 -7.94 -8.87
CA LEU A 3 7.99 -7.00 -8.64
C LEU A 3 8.21 -6.06 -7.50
N THR A 4 9.40 -5.96 -7.02
CA THR A 4 9.66 -5.03 -5.96
C THR A 4 9.03 -3.69 -6.34
N ALA A 5 8.46 -3.61 -7.57
CA ALA A 5 7.81 -2.38 -8.03
C ALA A 5 6.43 -2.34 -7.45
N LEU A 6 5.68 -3.39 -7.71
CA LEU A 6 4.35 -3.50 -7.17
C LEU A 6 4.46 -3.36 -5.68
N LYS A 7 5.58 -3.85 -5.15
CA LYS A 7 5.81 -3.78 -3.73
C LYS A 7 6.25 -2.37 -3.33
N PHE A 8 7.31 -1.88 -3.97
CA PHE A 8 7.81 -0.54 -3.68
C PHE A 8 6.71 0.49 -3.90
N LEU A 9 5.89 0.26 -4.91
CA LEU A 9 4.79 1.17 -5.21
C LEU A 9 3.60 0.83 -4.34
N GLY A 10 3.22 -0.43 -4.34
CA GLY A 10 2.09 -0.90 -3.54
C GLY A 10 2.18 -0.36 -2.12
N LYS A 11 3.39 -0.35 -1.58
CA LYS A 11 3.58 0.15 -0.22
C LYS A 11 3.08 1.58 -0.11
N ASN A 12 3.21 2.34 -1.19
CA ASN A 12 2.74 3.72 -1.21
C ASN A 12 1.22 3.69 -1.20
N LEU A 13 0.68 2.88 -2.12
CA LEU A 13 -0.76 2.72 -2.20
C LEU A 13 -1.23 2.15 -0.87
N GLY A 14 -0.41 1.26 -0.33
CA GLY A 14 -0.70 0.63 0.95
C GLY A 14 -1.00 1.69 1.99
N LYS A 15 -0.13 2.70 2.07
CA LYS A 15 -0.36 3.79 3.03
C LYS A 15 -1.75 4.36 2.73
N HIS A 16 -2.05 4.51 1.45
CA HIS A 16 -3.35 5.00 1.05
C HIS A 16 -4.40 4.00 1.48
N LEU A 17 -4.08 2.72 1.32
CA LEU A 17 -4.99 1.65 1.74
C LEU A 17 -5.11 1.69 3.26
N ALA A 18 -3.96 1.79 3.92
CA ALA A 18 -3.94 1.88 5.37
C ALA A 18 -4.86 3.01 5.79
N LYS A 19 -4.68 4.15 5.13
CA LYS A 19 -5.52 5.31 5.40
C LYS A 19 -6.97 4.91 5.17
N GLN A 20 -7.23 4.25 4.04
CA GLN A 20 -8.58 3.81 3.73
C GLN A 20 -9.08 2.89 4.84
N GLN A 21 -8.22 1.95 5.26
CA GLN A 21 -8.56 1.05 6.34
C GLN A 21 -8.70 1.83 7.64
N LEU A 22 -7.80 2.79 7.81
CA LEU A 22 -7.81 3.63 9.01
C LEU A 22 -9.20 4.22 9.18
N ALA A 23 -9.75 4.70 8.08
CA ALA A 23 -11.09 5.28 8.08
C ALA A 23 -12.06 4.32 8.77
N LYS A 24 -11.74 3.04 8.73
CA LYS A 24 -12.58 2.03 9.37
C LYS A 24 -12.15 1.88 10.82
N LEU A 25 -10.84 1.84 11.02
CA LEU A 25 -10.28 1.70 12.36
C LEU A 25 -10.65 2.92 13.19
N ILE A 1 12.91 -12.05 -7.27
CA ILE A 1 13.06 -11.16 -8.43
C ILE A 1 12.72 -9.73 -8.00
N TRP A 2 13.17 -8.75 -8.76
CA TRP A 2 12.92 -7.36 -8.45
C TRP A 2 11.44 -7.03 -8.60
N LEU A 3 10.64 -7.41 -7.62
CA LEU A 3 9.23 -7.14 -7.64
C LEU A 3 8.92 -5.69 -7.54
N THR A 4 9.87 -4.84 -7.88
CA THR A 4 9.63 -3.42 -7.82
C THR A 4 8.26 -3.10 -8.42
N ALA A 5 7.57 -4.14 -8.94
CA ALA A 5 6.24 -3.93 -9.51
C ALA A 5 5.24 -3.88 -8.38
N LEU A 6 5.23 -4.92 -7.59
CA LEU A 6 4.35 -5.01 -6.46
C LEU A 6 4.95 -4.22 -5.31
N LYS A 7 6.29 -4.13 -5.29
CA LYS A 7 6.95 -3.41 -4.22
C LYS A 7 6.73 -1.91 -4.34
N PHE A 8 6.86 -1.37 -5.55
CA PHE A 8 6.63 0.06 -5.73
C PHE A 8 5.17 0.39 -5.53
N LEU A 9 4.33 -0.62 -5.67
CA LEU A 9 2.90 -0.45 -5.49
C LEU A 9 2.52 -0.64 -4.02
N GLY A 10 2.85 -1.81 -3.50
CA GLY A 10 2.55 -2.14 -2.10
C GLY A 10 2.65 -0.93 -1.20
N LYS A 11 3.72 -0.15 -1.37
CA LYS A 11 3.91 1.04 -0.55
C LYS A 11 2.76 2.02 -0.73
N ASN A 12 2.30 2.17 -1.95
CA ASN A 12 1.19 3.07 -2.25
C ASN A 12 -0.09 2.46 -1.72
N LEU A 13 -0.30 1.20 -2.08
CA LEU A 13 -1.47 0.48 -1.63
C LEU A 13 -1.48 0.48 -0.11
N GLY A 14 -0.29 0.51 0.48
CA GLY A 14 -0.15 0.54 1.92
C GLY A 14 -0.73 1.82 2.45
N LYS A 15 -0.26 2.95 1.93
CA LYS A 15 -0.79 4.23 2.36
C LYS A 15 -2.29 4.19 2.18
N HIS A 16 -2.70 3.63 1.05
CA HIS A 16 -4.11 3.48 0.75
C HIS A 16 -4.75 2.63 1.85
N LEU A 17 -4.00 1.65 2.34
CA LEU A 17 -4.50 0.81 3.41
C LEU A 17 -4.59 1.67 4.66
N ALA A 18 -3.50 2.38 4.95
CA ALA A 18 -3.46 3.27 6.10
C ALA A 18 -4.62 4.25 6.05
N LYS A 19 -4.86 4.80 4.86
CA LYS A 19 -5.95 5.74 4.67
C LYS A 19 -7.28 5.01 4.86
N GLN A 20 -7.33 3.80 4.34
CA GLN A 20 -8.52 2.96 4.47
C GLN A 20 -8.74 2.63 5.93
N GLN A 21 -7.71 2.06 6.57
CA GLN A 21 -7.80 1.70 7.98
C GLN A 21 -8.38 2.88 8.76
N LEU A 22 -7.82 4.05 8.51
CA LEU A 22 -8.26 5.27 9.18
C LEU A 22 -9.74 5.50 8.93
N ALA A 23 -10.17 5.37 7.69
CA ALA A 23 -11.58 5.58 7.37
C ALA A 23 -12.47 4.73 8.28
N LYS A 24 -11.94 3.57 8.69
CA LYS A 24 -12.65 2.66 9.55
C LYS A 24 -12.26 2.90 11.00
N LEU A 25 -10.94 2.92 11.21
CA LEU A 25 -10.32 3.13 12.51
C LEU A 25 -11.18 2.55 13.64
N ILE A 1 12.26 -12.68 -4.74
CA ILE A 1 11.57 -12.00 -5.86
C ILE A 1 11.85 -10.51 -5.79
N TRP A 2 11.84 -9.85 -6.95
CA TRP A 2 12.09 -8.41 -7.00
C TRP A 2 10.88 -7.71 -7.63
N LEU A 3 9.75 -7.79 -6.93
CA LEU A 3 8.52 -7.19 -7.38
C LEU A 3 8.49 -5.72 -7.14
N THR A 4 9.62 -5.09 -7.01
CA THR A 4 9.63 -3.66 -6.78
C THR A 4 8.62 -2.99 -7.72
N ALA A 5 7.99 -3.78 -8.61
CA ALA A 5 7.00 -3.23 -9.54
C ALA A 5 5.69 -3.07 -8.81
N LEU A 6 5.23 -4.17 -8.24
CA LEU A 6 4.00 -4.16 -7.49
C LEU A 6 4.28 -3.55 -6.14
N LYS A 7 5.52 -3.69 -5.68
CA LYS A 7 5.90 -3.14 -4.38
C LYS A 7 5.96 -1.62 -4.45
N PHE A 8 6.58 -1.09 -5.51
CA PHE A 8 6.65 0.36 -5.66
C PHE A 8 5.25 0.93 -5.62
N LEU A 9 4.29 0.12 -6.05
CA LEU A 9 2.90 0.51 -6.02
C LEU A 9 2.34 0.22 -4.64
N GLY A 10 2.54 -1.02 -4.19
CA GLY A 10 2.06 -1.45 -2.89
C GLY A 10 2.39 -0.40 -1.84
N LYS A 11 3.62 0.11 -1.86
CA LYS A 11 4.00 1.11 -0.88
C LYS A 11 3.11 2.33 -1.00
N ASN A 12 2.73 2.66 -2.22
CA ASN A 12 1.83 3.78 -2.47
C ASN A 12 0.43 3.39 -2.04
N LEU A 13 0.01 2.22 -2.51
CA LEU A 13 -1.30 1.69 -2.17
C LEU A 13 -1.37 1.53 -0.66
N GLY A 14 -0.25 1.15 -0.08
CA GLY A 14 -0.18 0.95 1.36
C GLY A 14 -0.67 2.18 2.11
N LYS A 15 -0.16 3.35 1.73
CA LYS A 15 -0.60 4.58 2.35
C LYS A 15 -2.12 4.66 2.23
N HIS A 16 -2.60 4.29 1.05
CA HIS A 16 -4.03 4.26 0.79
C HIS A 16 -4.65 3.20 1.69
N LEU A 17 -3.96 2.07 1.80
CA LEU A 17 -4.43 1.00 2.66
C LEU A 17 -4.52 1.54 4.07
N ALA A 18 -3.40 2.09 4.53
CA ALA A 18 -3.35 2.67 5.87
C ALA A 18 -4.51 3.64 6.01
N LYS A 19 -4.65 4.52 5.03
CA LYS A 19 -5.75 5.48 5.05
C LYS A 19 -7.06 4.72 5.16
N GLN A 20 -7.21 3.72 4.30
CA GLN A 20 -8.40 2.87 4.32
C GLN A 20 -8.55 2.28 5.71
N GLN A 21 -7.46 1.69 6.21
CA GLN A 21 -7.46 1.11 7.54
C GLN A 21 -7.84 2.18 8.55
N LEU A 22 -7.33 3.38 8.35
CA LEU A 22 -7.62 4.50 9.23
C LEU A 22 -9.13 4.78 9.22
N ALA A 23 -9.70 4.75 8.03
CA ALA A 23 -11.13 5.00 7.88
C ALA A 23 -11.93 3.95 8.64
N LYS A 24 -11.47 2.70 8.59
CA LYS A 24 -12.14 1.60 9.26
C LYS A 24 -11.68 1.47 10.70
N LEU A 25 -10.41 1.81 10.92
CA LEU A 25 -9.75 1.76 12.22
C LEU A 25 -10.62 1.08 13.29
N ILE A 1 9.69 -10.46 -3.35
CA ILE A 1 9.44 -10.74 -4.79
C ILE A 1 10.19 -9.70 -5.61
N TRP A 2 10.67 -10.10 -6.78
CA TRP A 2 11.44 -9.19 -7.63
C TRP A 2 10.60 -8.04 -8.16
N LEU A 3 9.28 -8.13 -8.03
CA LEU A 3 8.43 -7.06 -8.50
C LEU A 3 8.44 -5.91 -7.57
N THR A 4 9.41 -5.85 -6.71
CA THR A 4 9.51 -4.75 -5.79
C THR A 4 9.30 -3.44 -6.57
N ALA A 5 9.14 -3.56 -7.90
CA ALA A 5 8.93 -2.38 -8.74
C ALA A 5 7.49 -1.93 -8.63
N LEU A 6 6.59 -2.86 -8.94
CA LEU A 6 5.19 -2.58 -8.85
C LEU A 6 4.78 -2.61 -7.39
N LYS A 7 5.54 -3.37 -6.60
CA LYS A 7 5.24 -3.48 -5.19
C LYS A 7 5.53 -2.16 -4.48
N PHE A 8 6.64 -1.51 -4.83
CA PHE A 8 6.95 -0.23 -4.20
C PHE A 8 5.79 0.72 -4.40
N LEU A 9 5.09 0.52 -5.50
CA LEU A 9 3.91 1.32 -5.81
C LEU A 9 2.78 0.80 -4.94
N GLY A 10 2.50 -0.48 -5.07
CA GLY A 10 1.45 -1.11 -4.26
C GLY A 10 1.63 -0.73 -2.80
N LYS A 11 2.86 -0.81 -2.31
CA LYS A 11 3.14 -0.47 -0.92
C LYS A 11 2.86 1.01 -0.70
N ASN A 12 3.13 1.82 -1.73
CA ASN A 12 2.86 3.24 -1.64
C ASN A 12 1.37 3.41 -1.45
N LEU A 13 0.60 2.67 -2.25
CA LEU A 13 -0.84 2.70 -2.13
C LEU A 13 -1.20 2.05 -0.81
N GLY A 14 -0.36 1.09 -0.41
CA GLY A 14 -0.55 0.37 0.84
C GLY A 14 -0.76 1.37 1.96
N LYS A 15 0.07 2.40 2.01
CA LYS A 15 -0.11 3.43 3.04
C LYS A 15 -1.52 3.94 2.92
N HIS A 16 -1.94 4.16 1.68
CA HIS A 16 -3.29 4.62 1.42
C HIS A 16 -4.25 3.51 1.85
N LEU A 17 -3.92 2.27 1.52
CA LEU A 17 -4.77 1.16 1.91
C LEU A 17 -4.88 1.14 3.42
N ALA A 18 -3.74 1.35 4.08
CA ALA A 18 -3.71 1.39 5.53
C ALA A 18 -4.58 2.54 5.99
N LYS A 19 -4.31 3.74 5.47
CA LYS A 19 -5.09 4.91 5.82
C LYS A 19 -6.56 4.64 5.51
N GLN A 20 -6.81 3.89 4.43
CA GLN A 20 -8.18 3.56 4.05
C GLN A 20 -8.83 2.76 5.18
N GLN A 21 -8.16 1.69 5.60
CA GLN A 21 -8.66 0.86 6.69
C GLN A 21 -8.73 1.72 7.94
N LEU A 22 -7.66 2.45 8.19
CA LEU A 22 -7.59 3.33 9.35
C LEU A 22 -8.80 4.23 9.36
N ALA A 23 -9.16 4.73 8.18
CA ALA A 23 -10.34 5.58 8.06
C ALA A 23 -11.56 4.88 8.65
N LYS A 24 -11.52 3.54 8.68
CA LYS A 24 -12.61 2.76 9.23
C LYS A 24 -12.36 2.55 10.72
N LEU A 25 -11.15 2.91 11.14
CA LEU A 25 -10.75 2.75 12.52
C LEU A 25 -10.73 4.11 13.22
N ILE A 1 10.42 -12.11 -7.84
CA ILE A 1 11.60 -11.20 -7.80
C ILE A 1 11.32 -10.02 -8.72
N TRP A 2 12.15 -8.97 -8.62
CA TRP A 2 11.99 -7.78 -9.45
C TRP A 2 10.76 -6.97 -9.08
N LEU A 3 9.71 -7.65 -8.60
CA LEU A 3 8.48 -6.99 -8.25
C LEU A 3 8.59 -5.86 -7.29
N THR A 4 9.74 -5.30 -7.13
CA THR A 4 9.85 -4.14 -6.29
C THR A 4 8.72 -3.19 -6.73
N ALA A 5 7.97 -3.57 -7.81
CA ALA A 5 6.88 -2.74 -8.28
C ALA A 5 5.69 -3.00 -7.39
N LEU A 6 5.35 -4.28 -7.25
CA LEU A 6 4.27 -4.66 -6.37
C LEU A 6 4.63 -4.15 -4.99
N LYS A 7 5.94 -4.04 -4.76
CA LYS A 7 6.41 -3.52 -3.49
C LYS A 7 6.18 -2.03 -3.44
N PHE A 8 6.68 -1.32 -4.45
CA PHE A 8 6.47 0.12 -4.51
C PHE A 8 4.97 0.38 -4.53
N LEU A 9 4.27 -0.32 -5.40
CA LEU A 9 2.82 -0.18 -5.49
C LEU A 9 2.23 -0.49 -4.13
N GLY A 10 2.66 -1.61 -3.56
CA GLY A 10 2.17 -2.02 -2.24
C GLY A 10 2.51 -0.95 -1.20
N LYS A 11 3.71 -0.39 -1.31
CA LYS A 11 4.12 0.66 -0.38
C LYS A 11 3.34 1.93 -0.66
N ASN A 12 3.09 2.19 -1.94
CA ASN A 12 2.33 3.37 -2.35
C ASN A 12 0.87 3.16 -1.97
N LEU A 13 0.35 2.00 -2.37
CA LEU A 13 -1.02 1.64 -2.06
C LEU A 13 -1.15 1.51 -0.55
N GLY A 14 -0.09 1.02 0.08
CA GLY A 14 -0.09 0.85 1.53
C GLY A 14 -0.55 2.12 2.21
N LYS A 15 0.04 3.24 1.82
CA LYS A 15 -0.37 4.51 2.41
C LYS A 15 -1.86 4.64 2.21
N HIS A 16 -2.31 4.37 0.99
CA HIS A 16 -3.72 4.41 0.67
C HIS A 16 -4.44 3.36 1.50
N LEU A 17 -3.80 2.21 1.65
CA LEU A 17 -4.37 1.12 2.43
C LEU A 17 -4.57 1.59 3.85
N ALA A 18 -3.52 2.14 4.42
CA ALA A 18 -3.58 2.66 5.78
C ALA A 18 -4.75 3.61 5.88
N LYS A 19 -4.78 4.59 4.98
CA LYS A 19 -5.86 5.55 4.96
C LYS A 19 -7.19 4.81 4.83
N GLN A 20 -7.23 3.85 3.92
CA GLN A 20 -8.45 3.07 3.71
C GLN A 20 -8.88 2.41 5.00
N GLN A 21 -7.94 1.76 5.67
CA GLN A 21 -8.23 1.08 6.93
C GLN A 21 -8.47 2.12 8.02
N LEU A 22 -7.64 3.16 8.03
CA LEU A 22 -7.76 4.22 9.02
C LEU A 22 -9.20 4.74 9.03
N ALA A 23 -9.74 4.88 7.85
CA ALA A 23 -11.13 5.34 7.71
C ALA A 23 -12.04 4.52 8.61
N LYS A 24 -11.83 3.21 8.63
CA LYS A 24 -12.62 2.33 9.46
C LYS A 24 -12.12 2.39 10.89
N LEU A 25 -10.81 2.29 11.06
CA LEU A 25 -10.18 2.33 12.37
C LEU A 25 -10.54 3.61 13.10
N ILE A 1 12.31 -12.28 -6.77
CA ILE A 1 12.19 -11.55 -8.05
C ILE A 1 12.13 -10.05 -7.75
N TRP A 2 12.62 -9.25 -8.68
CA TRP A 2 12.64 -7.80 -8.52
C TRP A 2 11.22 -7.24 -8.64
N LEU A 3 10.34 -7.62 -7.72
CA LEU A 3 8.99 -7.14 -7.74
C LEU A 3 8.89 -5.70 -7.39
N THR A 4 10.00 -5.00 -7.45
CA THR A 4 10.00 -3.60 -7.12
C THR A 4 8.79 -2.94 -7.81
N ALA A 5 8.05 -3.73 -8.61
CA ALA A 5 6.88 -3.21 -9.30
C ALA A 5 5.72 -3.21 -8.35
N LEU A 6 5.45 -4.39 -7.80
CA LEU A 6 4.38 -4.53 -6.84
C LEU A 6 4.80 -3.86 -5.56
N LYS A 7 6.11 -3.76 -5.37
CA LYS A 7 6.64 -3.12 -4.17
C LYS A 7 6.45 -1.61 -4.25
N PHE A 8 6.81 -1.02 -5.40
CA PHE A 8 6.64 0.42 -5.60
C PHE A 8 5.19 0.81 -5.36
N LEU A 9 4.30 -0.06 -5.80
CA LEU A 9 2.87 0.18 -5.63
C LEU A 9 2.45 -0.22 -4.23
N GLY A 10 2.90 -1.40 -3.81
CA GLY A 10 2.56 -1.91 -2.50
C GLY A 10 2.64 -0.83 -1.44
N LYS A 11 3.67 -0.01 -1.50
CA LYS A 11 3.83 1.07 -0.53
C LYS A 11 2.66 2.03 -0.62
N ASN A 12 2.21 2.29 -1.83
CA ASN A 12 1.07 3.15 -2.05
C ASN A 12 -0.18 2.43 -1.60
N LEU A 13 -0.34 1.21 -2.07
CA LEU A 13 -1.48 0.40 -1.69
C LEU A 13 -1.47 0.31 -0.17
N GLY A 14 -0.27 0.36 0.39
CA GLY A 14 -0.11 0.32 1.82
C GLY A 14 -0.64 1.61 2.41
N LYS A 15 -0.17 2.73 1.86
CA LYS A 15 -0.65 4.02 2.32
C LYS A 15 -2.16 4.00 2.19
N HIS A 16 -2.61 3.46 1.06
CA HIS A 16 -4.03 3.32 0.82
C HIS A 16 -4.64 2.43 1.90
N LEU A 17 -3.93 1.36 2.23
CA LEU A 17 -4.39 0.45 3.28
C LEU A 17 -4.52 1.23 4.57
N ALA A 18 -3.47 1.96 4.91
CA ALA A 18 -3.46 2.76 6.12
C ALA A 18 -4.61 3.76 6.06
N LYS A 19 -4.68 4.50 4.95
CA LYS A 19 -5.76 5.45 4.77
C LYS A 19 -7.09 4.74 4.91
N GLN A 20 -7.19 3.58 4.26
CA GLN A 20 -8.40 2.78 4.33
C GLN A 20 -8.72 2.47 5.78
N GLN A 21 -7.77 1.82 6.45
CA GLN A 21 -7.95 1.46 7.85
C GLN A 21 -8.39 2.70 8.63
N LEU A 22 -7.63 3.78 8.48
CA LEU A 22 -7.96 5.01 9.17
C LEU A 22 -9.40 5.39 8.88
N ALA A 23 -9.79 5.24 7.63
CA ALA A 23 -11.16 5.54 7.20
C ALA A 23 -12.15 4.82 8.09
N LYS A 24 -11.76 3.64 8.58
CA LYS A 24 -12.62 2.87 9.45
C LYS A 24 -12.37 3.26 10.89
N LEU A 25 -11.10 3.27 11.28
CA LEU A 25 -10.71 3.63 12.64
C LEU A 25 -11.17 5.05 12.94
N ILE A 1 15.27 -10.41 -8.28
CA ILE A 1 14.11 -9.95 -7.48
C ILE A 1 13.94 -8.45 -7.70
N TRP A 2 13.23 -8.09 -8.77
CA TRP A 2 13.02 -6.67 -9.06
C TRP A 2 11.54 -6.34 -9.20
N LEU A 3 10.69 -6.94 -8.35
CA LEU A 3 9.29 -6.66 -8.39
C LEU A 3 8.96 -5.44 -7.62
N THR A 4 9.95 -4.66 -7.29
CA THR A 4 9.73 -3.45 -6.57
C THR A 4 8.56 -2.70 -7.23
N ALA A 5 8.05 -3.25 -8.35
CA ALA A 5 6.96 -2.61 -9.07
C ALA A 5 5.65 -2.94 -8.40
N LEU A 6 5.39 -4.24 -8.28
CA LEU A 6 4.19 -4.72 -7.65
C LEU A 6 4.33 -4.54 -6.16
N LYS A 7 5.58 -4.50 -5.70
CA LYS A 7 5.83 -4.34 -4.27
C LYS A 7 5.57 -2.90 -3.85
N PHE A 8 6.20 -1.95 -4.52
CA PHE A 8 5.99 -0.54 -4.17
C PHE A 8 4.51 -0.21 -4.30
N LEU A 9 3.93 -0.51 -5.47
CA LEU A 9 2.52 -0.24 -5.69
C LEU A 9 1.73 -0.76 -4.50
N GLY A 10 1.94 -2.03 -4.19
CA GLY A 10 1.27 -2.68 -3.06
C GLY A 10 1.58 -1.94 -1.76
N LYS A 11 2.83 -1.51 -1.60
CA LYS A 11 3.22 -0.78 -0.40
C LYS A 11 2.56 0.58 -0.37
N ASN A 12 2.52 1.22 -1.52
CA ASN A 12 1.91 2.54 -1.64
C ASN A 12 0.41 2.38 -1.51
N LEU A 13 -0.13 1.44 -2.26
CA LEU A 13 -1.55 1.15 -2.20
C LEU A 13 -1.86 0.73 -0.77
N GLY A 14 -0.92 -0.02 -0.19
CA GLY A 14 -1.08 -0.46 1.19
C GLY A 14 -1.13 0.76 2.10
N LYS A 15 -0.24 1.70 1.85
CA LYS A 15 -0.23 2.93 2.64
C LYS A 15 -1.61 3.54 2.52
N HIS A 16 -2.21 3.39 1.35
CA HIS A 16 -3.55 3.90 1.12
C HIS A 16 -4.54 3.00 1.85
N LEU A 17 -4.37 1.69 1.71
CA LEU A 17 -5.25 0.75 2.39
C LEU A 17 -5.25 1.09 3.87
N ALA A 18 -4.04 1.21 4.40
CA ALA A 18 -3.87 1.56 5.81
C ALA A 18 -4.62 2.86 6.09
N LYS A 19 -4.36 3.89 5.27
CA LYS A 19 -5.03 5.17 5.46
C LYS A 19 -6.54 4.96 5.37
N GLN A 20 -6.95 4.08 4.47
CA GLN A 20 -8.36 3.77 4.31
C GLN A 20 -8.87 3.15 5.60
N GLN A 21 -8.14 2.16 6.08
CA GLN A 21 -8.51 1.50 7.33
C GLN A 21 -8.52 2.54 8.44
N LEU A 22 -7.47 3.34 8.46
CA LEU A 22 -7.32 4.40 9.44
C LEU A 22 -8.50 5.35 9.36
N ALA A 23 -8.82 5.76 8.14
CA ALA A 23 -9.91 6.69 7.90
C ALA A 23 -11.19 6.25 8.62
N LYS A 24 -11.43 4.94 8.70
CA LYS A 24 -12.62 4.46 9.39
C LYS A 24 -12.38 4.54 10.89
N LEU A 25 -11.15 4.26 11.28
CA LEU A 25 -10.75 4.28 12.68
C LEU A 25 -10.68 5.72 13.17
N ILE A 1 13.44 -12.86 -8.16
CA ILE A 1 12.21 -12.01 -8.19
C ILE A 1 12.56 -10.64 -7.63
N TRP A 2 12.08 -9.58 -8.29
CA TRP A 2 12.34 -8.23 -7.86
C TRP A 2 11.17 -7.32 -8.21
N LEU A 3 10.03 -7.60 -7.59
CA LEU A 3 8.83 -6.85 -7.81
C LEU A 3 8.87 -5.45 -7.31
N THR A 4 10.03 -4.90 -7.11
CA THR A 4 10.11 -3.55 -6.60
C THR A 4 9.07 -2.68 -7.32
N ALA A 5 8.40 -3.25 -8.34
CA ALA A 5 7.34 -2.53 -9.04
C ALA A 5 6.08 -2.64 -8.22
N LEU A 6 5.71 -3.89 -7.94
CA LEU A 6 4.54 -4.17 -7.14
C LEU A 6 4.82 -3.69 -5.73
N LYS A 7 6.10 -3.66 -5.36
CA LYS A 7 6.46 -3.20 -4.03
C LYS A 7 6.19 -1.70 -3.95
N PHE A 8 6.70 -0.96 -4.91
CA PHE A 8 6.47 0.48 -4.93
C PHE A 8 4.97 0.72 -4.93
N LEU A 9 4.27 -0.03 -5.77
CA LEU A 9 2.82 0.08 -5.84
C LEU A 9 2.23 -0.33 -4.50
N GLY A 10 2.65 -1.51 -4.02
CA GLY A 10 2.15 -2.00 -2.73
C GLY A 10 2.35 -0.94 -1.67
N LYS A 11 3.47 -0.23 -1.74
CA LYS A 11 3.77 0.82 -0.79
C LYS A 11 2.69 1.90 -0.89
N ASN A 12 2.31 2.20 -2.12
CA ASN A 12 1.26 3.18 -2.37
C ASN A 12 -0.06 2.59 -1.93
N LEU A 13 -0.33 1.39 -2.41
CA LEU A 13 -1.55 0.70 -2.03
C LEU A 13 -1.60 0.62 -0.51
N GLY A 14 -0.42 0.52 0.08
CA GLY A 14 -0.32 0.46 1.53
C GLY A 14 -0.85 1.75 2.12
N LYS A 15 -0.48 2.88 1.52
CA LYS A 15 -0.98 4.16 2.00
C LYS A 15 -2.50 4.11 1.95
N HIS A 16 -3.03 3.51 0.88
CA HIS A 16 -4.46 3.36 0.75
C HIS A 16 -4.93 2.45 1.85
N LEU A 17 -4.17 1.38 2.10
CA LEU A 17 -4.53 0.47 3.18
C LEU A 17 -4.49 1.23 4.48
N ALA A 18 -3.45 2.05 4.63
CA ALA A 18 -3.30 2.88 5.82
C ALA A 18 -4.47 3.84 5.92
N LYS A 19 -4.72 4.57 4.84
CA LYS A 19 -5.83 5.50 4.81
C LYS A 19 -7.11 4.74 5.09
N GLN A 20 -7.19 3.52 4.57
CA GLN A 20 -8.36 2.67 4.80
C GLN A 20 -8.47 2.38 6.29
N GLN A 21 -7.39 1.86 6.86
CA GLN A 21 -7.37 1.54 8.28
C GLN A 21 -7.89 2.74 9.07
N LEU A 22 -7.38 3.92 8.72
CA LEU A 22 -7.82 5.14 9.39
C LEU A 22 -9.27 5.42 9.07
N ALA A 23 -9.62 5.26 7.81
CA ALA A 23 -10.99 5.52 7.36
C ALA A 23 -11.98 4.71 8.19
N LYS A 24 -11.66 3.43 8.42
CA LYS A 24 -12.52 2.56 9.20
C LYS A 24 -12.16 2.65 10.68
N LEU A 25 -10.87 2.88 10.92
CA LEU A 25 -10.28 3.01 12.26
C LEU A 25 -11.02 2.18 13.32
N ILE A 1 9.99 -13.29 -6.87
CA ILE A 1 9.27 -12.37 -7.78
C ILE A 1 10.09 -11.10 -7.90
N TRP A 2 10.17 -10.58 -9.13
CA TRP A 2 10.96 -9.38 -9.38
C TRP A 2 10.14 -8.10 -9.19
N LEU A 3 8.88 -8.11 -9.60
CA LEU A 3 8.06 -6.94 -9.49
C LEU A 3 7.90 -6.38 -8.12
N THR A 4 8.75 -6.73 -7.22
CA THR A 4 8.72 -6.12 -5.94
C THR A 4 8.69 -4.60 -6.19
N ALA A 5 8.74 -4.19 -7.49
CA ALA A 5 8.72 -2.78 -7.83
C ALA A 5 7.31 -2.29 -7.64
N LEU A 6 6.38 -3.02 -8.24
CA LEU A 6 4.99 -2.69 -8.09
C LEU A 6 4.71 -2.74 -6.60
N LYS A 7 5.46 -3.60 -5.91
CA LYS A 7 5.31 -3.73 -4.47
C LYS A 7 5.97 -2.54 -3.79
N PHE A 8 7.22 -2.29 -4.16
CA PHE A 8 7.97 -1.16 -3.62
C PHE A 8 7.22 0.13 -3.89
N LEU A 9 6.28 0.06 -4.83
CA LEU A 9 5.46 1.22 -5.16
C LEU A 9 4.19 1.19 -4.31
N GLY A 10 3.43 0.10 -4.45
CA GLY A 10 2.21 -0.05 -3.68
C GLY A 10 2.44 0.28 -2.21
N LYS A 11 3.61 -0.11 -1.71
CA LYS A 11 3.95 0.17 -0.32
C LYS A 11 3.72 1.64 -0.01
N ASN A 12 3.94 2.49 -0.99
CA ASN A 12 3.73 3.92 -0.81
C ASN A 12 2.25 4.19 -0.70
N LEU A 13 1.51 3.61 -1.63
CA LEU A 13 0.05 3.73 -1.63
C LEU A 13 -0.45 3.15 -0.33
N GLY A 14 0.26 2.13 0.12
CA GLY A 14 -0.07 1.46 1.38
C GLY A 14 -0.32 2.48 2.48
N LYS A 15 0.46 3.55 2.48
CA LYS A 15 0.29 4.60 3.49
C LYS A 15 -1.16 5.07 3.43
N HIS A 16 -1.72 5.07 2.23
CA HIS A 16 -3.10 5.47 2.05
C HIS A 16 -4.00 4.31 2.45
N LEU A 17 -3.59 3.09 2.13
CA LEU A 17 -4.37 1.93 2.50
C LEU A 17 -4.67 2.00 3.98
N ALA A 18 -3.64 2.32 4.74
CA ALA A 18 -3.78 2.46 6.19
C ALA A 18 -4.95 3.39 6.48
N LYS A 19 -4.94 4.54 5.79
CA LYS A 19 -6.00 5.53 5.93
C LYS A 19 -7.31 4.90 5.48
N GLN A 20 -7.26 4.25 4.32
CA GLN A 20 -8.41 3.57 3.76
C GLN A 20 -8.96 2.59 4.79
N GLN A 21 -8.08 1.75 5.32
CA GLN A 21 -8.48 0.77 6.33
C GLN A 21 -9.03 1.52 7.53
N LEU A 22 -8.32 2.57 7.94
CA LEU A 22 -8.74 3.39 9.08
C LEU A 22 -10.19 3.81 8.89
N ALA A 23 -10.52 4.17 7.65
CA ALA A 23 -11.89 4.58 7.32
C ALA A 23 -12.88 3.52 7.80
N LYS A 24 -12.40 2.29 7.92
CA LYS A 24 -13.24 1.20 8.38
C LYS A 24 -13.11 1.11 9.90
N LEU A 25 -11.87 1.26 10.36
CA LEU A 25 -11.57 1.23 11.79
C LEU A 25 -12.29 2.35 12.51
N ILE A 1 12.28 -12.71 -8.17
CA ILE A 1 12.88 -11.57 -8.90
C ILE A 1 12.63 -10.28 -8.12
N TRP A 2 12.98 -9.14 -8.70
CA TRP A 2 12.80 -7.85 -8.03
C TRP A 2 11.52 -7.16 -8.47
N LEU A 3 10.42 -7.45 -7.78
CA LEU A 3 9.15 -6.84 -8.07
C LEU A 3 9.08 -5.45 -7.53
N THR A 4 10.21 -4.83 -7.31
CA THR A 4 10.21 -3.49 -6.76
C THR A 4 9.13 -2.64 -7.46
N ALA A 5 8.47 -3.23 -8.48
CA ALA A 5 7.40 -2.52 -9.17
C ALA A 5 6.14 -2.68 -8.38
N LEU A 6 5.80 -3.94 -8.14
CA LEU A 6 4.63 -4.25 -7.34
C LEU A 6 4.90 -3.81 -5.92
N LYS A 7 6.18 -3.80 -5.55
CA LYS A 7 6.55 -3.39 -4.21
C LYS A 7 6.27 -1.91 -4.02
N PHE A 8 6.80 -1.08 -4.91
CA PHE A 8 6.57 0.35 -4.82
C PHE A 8 5.08 0.62 -4.83
N LEU A 9 4.38 -0.12 -5.69
CA LEU A 9 2.94 0.01 -5.79
C LEU A 9 2.31 -0.45 -4.48
N GLY A 10 2.70 -1.64 -4.02
CA GLY A 10 2.18 -2.17 -2.78
C GLY A 10 2.32 -1.16 -1.66
N LYS A 11 3.48 -0.49 -1.63
CA LYS A 11 3.72 0.53 -0.61
C LYS A 11 2.63 1.59 -0.67
N ASN A 12 2.24 1.93 -1.89
CA ASN A 12 1.18 2.90 -2.11
C ASN A 12 -0.13 2.28 -1.72
N LEU A 13 -0.32 1.04 -2.18
CA LEU A 13 -1.51 0.30 -1.84
C LEU A 13 -1.61 0.26 -0.33
N GLY A 14 -0.46 0.08 0.31
CA GLY A 14 -0.42 0.05 1.78
C GLY A 14 -0.99 1.35 2.33
N LYS A 15 -0.51 2.48 1.83
CA LYS A 15 -1.03 3.75 2.28
C LYS A 15 -2.54 3.74 2.07
N HIS A 16 -2.95 3.11 0.97
CA HIS A 16 -4.36 2.97 0.66
C HIS A 16 -5.02 2.13 1.73
N LEU A 17 -4.33 1.07 2.16
CA LEU A 17 -4.85 0.19 3.20
C LEU A 17 -4.91 0.98 4.49
N ALA A 18 -3.78 1.59 4.82
CA ALA A 18 -3.70 2.40 6.02
C ALA A 18 -4.82 3.42 6.00
N LYS A 19 -4.91 4.16 4.90
CA LYS A 19 -5.96 5.15 4.74
C LYS A 19 -7.31 4.47 4.96
N GLN A 20 -7.50 3.34 4.28
CA GLN A 20 -8.73 2.59 4.41
C GLN A 20 -9.01 2.30 5.89
N GLN A 21 -8.00 1.79 6.58
CA GLN A 21 -8.15 1.51 8.00
C GLN A 21 -8.39 2.80 8.74
N LEU A 22 -7.57 3.79 8.46
CA LEU A 22 -7.70 5.09 9.12
C LEU A 22 -9.12 5.60 8.92
N ALA A 23 -9.63 5.40 7.72
CA ALA A 23 -10.98 5.83 7.39
C ALA A 23 -11.96 5.25 8.40
N LYS A 24 -11.60 4.13 9.02
CA LYS A 24 -12.45 3.51 10.01
C LYS A 24 -12.12 4.07 11.39
N LEU A 25 -10.86 4.40 11.58
CA LEU A 25 -10.37 4.93 12.84
C LEU A 25 -10.68 6.43 12.92
N ILE A 1 12.31 -12.48 -8.15
CA ILE A 1 12.38 -11.41 -9.18
C ILE A 1 12.31 -10.05 -8.48
N TRP A 2 12.77 -9.01 -9.18
CA TRP A 2 12.75 -7.67 -8.62
C TRP A 2 11.31 -7.15 -8.60
N LEU A 3 10.52 -7.67 -7.67
CA LEU A 3 9.15 -7.27 -7.55
C LEU A 3 8.98 -5.83 -7.19
N THR A 4 9.99 -5.03 -7.39
CA THR A 4 9.88 -3.63 -7.07
C THR A 4 8.52 -3.11 -7.61
N ALA A 5 7.78 -3.99 -8.32
CA ALA A 5 6.48 -3.61 -8.84
C ALA A 5 5.47 -3.72 -7.74
N LEU A 6 5.40 -4.90 -7.16
CA LEU A 6 4.50 -5.14 -6.05
C LEU A 6 4.92 -4.24 -4.92
N LYS A 7 6.20 -3.87 -4.93
CA LYS A 7 6.74 -2.99 -3.91
C LYS A 7 6.27 -1.56 -4.16
N PHE A 8 6.49 -1.08 -5.38
CA PHE A 8 6.06 0.27 -5.74
C PHE A 8 4.58 0.41 -5.47
N LEU A 9 3.82 -0.59 -5.87
CA LEU A 9 2.39 -0.58 -5.64
C LEU A 9 2.10 -0.71 -4.16
N GLY A 10 2.63 -1.77 -3.55
CA GLY A 10 2.45 -2.00 -2.13
C GLY A 10 2.69 -0.73 -1.33
N LYS A 11 3.79 -0.05 -1.63
CA LYS A 11 4.09 1.18 -0.91
C LYS A 11 2.96 2.19 -1.09
N ASN A 12 2.41 2.22 -2.29
CA ASN A 12 1.31 3.12 -2.58
C ASN A 12 0.06 2.58 -1.92
N LEU A 13 -0.21 1.31 -2.15
CA LEU A 13 -1.37 0.68 -1.54
C LEU A 13 -1.27 0.85 -0.04
N GLY A 14 -0.05 0.90 0.45
CA GLY A 14 0.20 1.05 1.89
C GLY A 14 -0.34 2.36 2.44
N LYS A 15 0.11 3.50 1.90
CA LYS A 15 -0.39 4.77 2.39
C LYS A 15 -1.89 4.78 2.25
N HIS A 16 -2.36 4.12 1.20
CA HIS A 16 -3.78 4.00 0.95
C HIS A 16 -4.37 3.02 1.96
N LEU A 17 -3.68 1.91 2.20
CA LEU A 17 -4.17 0.93 3.16
C LEU A 17 -4.39 1.62 4.48
N ALA A 18 -3.39 2.38 4.90
CA ALA A 18 -3.47 3.12 6.14
C ALA A 18 -4.69 4.03 6.11
N LYS A 19 -4.80 4.83 5.05
CA LYS A 19 -5.94 5.74 4.93
C LYS A 19 -7.23 4.94 4.99
N GLN A 20 -7.21 3.77 4.35
CA GLN A 20 -8.37 2.90 4.34
C GLN A 20 -8.61 2.39 5.75
N GLN A 21 -7.58 1.79 6.33
CA GLN A 21 -7.68 1.27 7.68
C GLN A 21 -8.20 2.36 8.60
N LEU A 22 -7.67 3.57 8.42
CA LEU A 22 -8.10 4.70 9.23
C LEU A 22 -9.58 4.96 9.00
N ALA A 23 -9.98 4.92 7.74
CA ALA A 23 -11.38 5.14 7.38
C ALA A 23 -12.27 4.21 8.19
N LYS A 24 -11.80 3.01 8.44
CA LYS A 24 -12.57 2.04 9.21
C LYS A 24 -12.49 2.38 10.70
N LEU A 25 -11.37 3.00 11.08
CA LEU A 25 -11.17 3.38 12.47
C LEU A 25 -12.06 4.57 12.81
N ILE A 1 11.51 -12.69 -6.32
CA ILE A 1 10.22 -12.14 -6.78
C ILE A 1 10.49 -10.88 -7.60
N TRP A 2 9.70 -10.67 -8.65
CA TRP A 2 9.90 -9.50 -9.50
C TRP A 2 8.70 -8.55 -9.39
N LEU A 3 8.19 -8.38 -8.17
CA LEU A 3 7.08 -7.50 -7.95
C LEU A 3 7.53 -6.17 -7.47
N THR A 4 8.78 -5.86 -7.65
CA THR A 4 9.31 -4.59 -7.19
C THR A 4 8.32 -3.48 -7.57
N ALA A 5 7.24 -3.84 -8.28
CA ALA A 5 6.22 -2.88 -8.67
C ALA A 5 5.30 -2.66 -7.50
N LEU A 6 4.73 -3.75 -7.01
CA LEU A 6 3.84 -3.72 -5.88
C LEU A 6 4.66 -3.37 -4.66
N LYS A 7 5.95 -3.65 -4.73
CA LYS A 7 6.84 -3.36 -3.62
C LYS A 7 7.06 -1.85 -3.52
N PHE A 8 7.41 -1.23 -4.64
CA PHE A 8 7.64 0.22 -4.66
C PHE A 8 6.32 0.96 -4.48
N LEU A 9 5.32 0.55 -5.24
CA LEU A 9 4.01 1.17 -5.15
C LEU A 9 3.39 0.89 -3.79
N GLY A 10 3.36 -0.38 -3.43
CA GLY A 10 2.80 -0.80 -2.14
C GLY A 10 3.22 0.14 -1.03
N LYS A 11 4.46 0.65 -1.11
CA LYS A 11 4.96 1.56 -0.10
C LYS A 11 4.18 2.87 -0.16
N ASN A 12 3.97 3.36 -1.36
CA ASN A 12 3.20 4.58 -1.55
C ASN A 12 1.74 4.27 -1.30
N LEU A 13 1.31 3.15 -1.84
CA LEU A 13 -0.06 2.69 -1.66
C LEU A 13 -0.31 2.48 -0.17
N GLY A 14 0.74 2.11 0.53
CA GLY A 14 0.65 1.87 1.97
C GLY A 14 -0.07 3.01 2.64
N LYS A 15 0.35 4.23 2.36
CA LYS A 15 -0.31 5.40 2.94
C LYS A 15 -1.78 5.32 2.59
N HIS A 16 -2.04 4.97 1.34
CA HIS A 16 -3.40 4.81 0.85
C HIS A 16 -4.05 3.66 1.59
N LEU A 17 -3.26 2.60 1.82
CA LEU A 17 -3.78 1.45 2.54
C LEU A 17 -4.15 1.89 3.94
N ALA A 18 -3.21 2.54 4.62
CA ALA A 18 -3.45 3.05 5.96
C ALA A 18 -4.73 3.87 5.94
N LYS A 19 -4.82 4.77 4.97
CA LYS A 19 -6.01 5.59 4.82
C LYS A 19 -7.23 4.69 4.69
N GLN A 20 -7.10 3.66 3.85
CA GLN A 20 -8.18 2.73 3.65
C GLN A 20 -8.48 1.99 4.96
N GLN A 21 -7.43 1.40 5.55
CA GLN A 21 -7.58 0.70 6.81
C GLN A 21 -8.32 1.58 7.80
N LEU A 22 -7.95 2.86 7.85
CA LEU A 22 -8.62 3.79 8.74
C LEU A 22 -10.11 3.73 8.48
N ALA A 23 -10.47 3.68 7.20
CA ALA A 23 -11.87 3.61 6.81
C ALA A 23 -12.50 2.35 7.40
N LYS A 24 -11.69 1.32 7.57
CA LYS A 24 -12.16 0.08 8.15
C LYS A 24 -12.21 0.22 9.66
N LEU A 25 -11.27 0.96 10.20
CA LEU A 25 -11.21 1.22 11.62
C LEU A 25 -12.48 1.95 12.05
N ILE A 1 13.29 -12.28 -8.23
CA ILE A 1 12.19 -11.74 -9.05
C ILE A 1 12.35 -10.22 -9.10
N TRP A 2 11.36 -9.51 -9.62
CA TRP A 2 11.46 -8.05 -9.73
C TRP A 2 10.19 -7.33 -9.29
N LEU A 3 9.19 -8.04 -8.76
CA LEU A 3 7.97 -7.40 -8.38
C LEU A 3 8.12 -6.37 -7.32
N THR A 4 9.30 -5.96 -7.05
CA THR A 4 9.50 -4.88 -6.12
C THR A 4 8.54 -3.75 -6.57
N ALA A 5 7.81 -3.97 -7.69
CA ALA A 5 6.90 -2.96 -8.21
C ALA A 5 5.65 -2.98 -7.38
N LEU A 6 5.07 -4.17 -7.27
CA LEU A 6 3.90 -4.33 -6.46
C LEU A 6 4.24 -3.80 -5.09
N LYS A 7 5.52 -3.99 -4.73
CA LYS A 7 5.99 -3.52 -3.44
C LYS A 7 6.19 -2.01 -3.46
N PHE A 8 6.95 -1.52 -4.44
CA PHE A 8 7.18 -0.08 -4.53
C PHE A 8 5.85 0.65 -4.58
N LEU A 9 4.88 0.01 -5.23
CA LEU A 9 3.55 0.56 -5.33
C LEU A 9 2.81 0.31 -4.03
N GLY A 10 2.81 -0.94 -3.60
CA GLY A 10 2.14 -1.32 -2.36
C GLY A 10 2.59 -0.44 -1.22
N LYS A 11 3.87 -0.10 -1.18
CA LYS A 11 4.37 0.74 -0.11
C LYS A 11 3.72 2.11 -0.18
N ASN A 12 3.49 2.56 -1.41
CA ASN A 12 2.82 3.83 -1.63
C ASN A 12 1.34 3.66 -1.37
N LEU A 13 0.78 2.64 -2.00
CA LEU A 13 -0.62 2.32 -1.83
C LEU A 13 -0.91 2.07 -0.36
N GLY A 14 0.05 1.45 0.30
CA GLY A 14 -0.09 1.15 1.72
C GLY A 14 -0.51 2.39 2.48
N LYS A 15 0.12 3.51 2.17
CA LYS A 15 -0.23 4.76 2.83
C LYS A 15 -1.71 5.02 2.64
N HIS A 16 -2.21 4.65 1.47
CA HIS A 16 -3.62 4.79 1.17
C HIS A 16 -4.39 3.67 1.85
N LEU A 17 -3.78 2.48 1.82
CA LEU A 17 -4.39 1.31 2.45
C LEU A 17 -4.57 1.59 3.93
N ALA A 18 -3.51 2.06 4.58
CA ALA A 18 -3.59 2.41 5.99
C ALA A 18 -4.74 3.37 6.20
N LYS A 19 -4.71 4.47 5.45
CA LYS A 19 -5.77 5.45 5.52
C LYS A 19 -7.11 4.75 5.26
N GLN A 20 -7.14 3.91 4.23
CA GLN A 20 -8.35 3.17 3.92
C GLN A 20 -8.78 2.41 5.17
N GLN A 21 -7.82 1.70 5.75
CA GLN A 21 -8.08 0.92 6.97
C GLN A 21 -8.55 1.85 8.08
N LEU A 22 -7.83 2.95 8.25
CA LEU A 22 -8.18 3.93 9.27
C LEU A 22 -9.57 4.46 9.03
N ALA A 23 -9.85 4.71 7.77
CA ALA A 23 -11.15 5.24 7.38
C ALA A 23 -12.27 4.38 7.98
N LYS A 24 -12.09 3.05 7.92
CA LYS A 24 -13.07 2.13 8.48
C LYS A 24 -12.70 1.81 9.92
N LEU A 25 -11.39 1.87 10.18
CA LEU A 25 -10.81 1.60 11.50
C LEU A 25 -11.56 0.50 12.25
#